data_8C8D
#
_entry.id   8C8D
#
_cell.length_a   51.580
_cell.length_b   57.010
_cell.length_c   113.420
_cell.angle_alpha   90.000
_cell.angle_beta   90.000
_cell.angle_gamma   90.000
#
_symmetry.space_group_name_H-M   'P 21 21 21'
#
loop_
_entity.id
_entity.type
_entity.pdbx_description
1 polymer 'DNA cross-link repair 1A protein'
2 non-polymer (2~{R})-3-[6-chloranyl-2-(furan-2-ylmethylamino)quinazolin-4-yl]-2-methyl-~{N}-oxidanyl-propanamide
3 non-polymer 'ZINC ION'
4 water water
#
_entity_poly.entity_id   1
_entity_poly.type   'polypeptide(L)'
_entity_poly.pdbx_seq_one_letter_code
;KKTCPFYKKIPGTGFTVDAFQYGVVEGCTAYFLTHFHSDHYAGLSKHFTFPVYCSEITGNLLKNKLHVQEQYIHPLPLDT
ECIVNGVKVVLLDANHCPGAVMILFYLPNGTVILHTGDFRADPSMERSLLADQKVHMLYLDTTYCSPEYTFPSQQEVIRF
AINTAFEAVTLNPHALVVCGTYSIGKEKVFLAIADVLGSKVGMSQEKYKTLQCLNIPEINSLITTDMCSSLVHLLPMMQI
NFKGLQSHLKKCGGKYNQILAFRPTGWTHSNKFTRIADVIPQTKGNISIYGIPYSEHSSYLEMKRFVQWLKPQKIIPTVN
VGTWKSRSTMEKYFREWKLEAGY
;
_entity_poly.pdbx_strand_id   A
#
loop_
_chem_comp.id
_chem_comp.type
_chem_comp.name
_chem_comp.formula
U2C non-polymer (2~{R})-3-[6-chloranyl-2-(furan-2-ylmethylamino)quinazolin-4-yl]-2-methyl-~{N}-oxidanyl-propanamide 'C17 H17 Cl N4 O3'
ZN non-polymer 'ZINC ION' 'Zn 2'
#
# COMPACT_ATOMS: atom_id res chain seq x y z
N THR A 3 23.17 10.17 1.47
CA THR A 3 22.93 11.14 0.40
C THR A 3 21.58 10.88 -0.29
N CYS A 4 20.79 11.93 -0.42
CA CYS A 4 19.45 11.79 -0.99
C CYS A 4 19.53 11.60 -2.49
N PRO A 5 18.90 10.57 -3.05
CA PRO A 5 18.90 10.40 -4.51
C PRO A 5 18.05 11.48 -5.18
N PHE A 6 18.37 11.71 -6.46
CA PHE A 6 17.76 12.83 -7.18
C PHE A 6 16.26 12.62 -7.38
N TYR A 7 15.80 11.37 -7.49
CA TYR A 7 14.38 11.12 -7.73
C TYR A 7 13.51 11.34 -6.49
N LYS A 8 14.10 11.70 -5.36
CA LYS A 8 13.36 12.09 -4.16
C LYS A 8 13.33 13.60 -3.95
N LYS A 9 13.89 14.36 -4.88
CA LYS A 9 13.90 15.82 -4.81
C LYS A 9 12.93 16.37 -5.86
N ILE A 10 12.23 17.44 -5.49
CA ILE A 10 11.35 18.12 -6.44
C ILE A 10 12.05 19.38 -6.93
N PRO A 11 12.60 19.39 -8.16
CA PRO A 11 13.40 20.54 -8.60
C PRO A 11 12.57 21.81 -8.67
N GLY A 12 13.24 22.94 -8.44
CA GLY A 12 12.56 24.21 -8.34
C GLY A 12 11.85 24.45 -7.04
N THR A 13 11.98 23.54 -6.07
CA THR A 13 11.33 23.66 -4.77
C THR A 13 12.33 23.29 -3.68
N GLY A 14 11.91 23.48 -2.44
CA GLY A 14 12.66 22.98 -1.32
C GLY A 14 12.00 21.74 -0.74
N PHE A 15 11.38 20.94 -1.60
CA PHE A 15 10.59 19.79 -1.19
C PHE A 15 11.34 18.50 -1.47
N THR A 16 11.22 17.54 -0.56
CA THR A 16 11.60 16.17 -0.84
C THR A 16 10.41 15.27 -0.59
N VAL A 17 10.45 14.08 -1.17
CA VAL A 17 9.37 13.11 -1.05
C VAL A 17 9.97 11.81 -0.54
N ASP A 18 9.48 11.35 0.62
CA ASP A 18 9.85 10.03 1.15
C ASP A 18 11.36 9.92 1.39
N ALA A 19 11.94 11.00 1.91
CA ALA A 19 13.39 11.12 2.06
C ALA A 19 13.71 11.46 3.52
N PHE A 20 13.64 10.43 4.37
CA PHE A 20 13.83 10.63 5.80
C PHE A 20 15.04 9.91 6.36
N GLN A 21 15.73 9.12 5.55
CA GLN A 21 16.87 8.33 6.01
C GLN A 21 18.21 8.96 5.63
N TYR A 22 18.20 10.23 5.23
CA TYR A 22 19.40 10.91 4.75
C TYR A 22 19.78 12.07 5.65
N GLY A 23 19.38 12.04 6.92
CA GLY A 23 19.67 13.14 7.81
C GLY A 23 18.98 14.41 7.35
N VAL A 24 19.61 15.54 7.66
CA VAL A 24 19.10 16.83 7.20
C VAL A 24 19.43 16.98 5.72
N VAL A 25 18.41 17.11 4.89
CA VAL A 25 18.59 17.28 3.45
C VAL A 25 18.83 18.76 3.17
N GLU A 26 19.91 19.05 2.45
CA GLU A 26 20.32 20.44 2.23
C GLU A 26 19.27 21.17 1.39
N GLY A 27 18.77 22.28 1.94
CA GLY A 27 17.81 23.09 1.25
C GLY A 27 16.37 22.66 1.38
N CYS A 28 16.10 21.54 2.05
CA CYS A 28 14.74 21.04 2.15
C CYS A 28 13.99 21.78 3.26
N THR A 29 12.94 22.51 2.86
CA THR A 29 12.09 23.23 3.80
C THR A 29 10.83 22.47 4.17
N ALA A 30 10.49 21.42 3.43
CA ALA A 30 9.29 20.64 3.72
C ALA A 30 9.53 19.21 3.26
N TYR A 31 9.26 18.26 4.14
CA TYR A 31 9.42 16.85 3.85
C TYR A 31 8.04 16.24 3.65
N PHE A 32 7.75 15.78 2.43
CA PHE A 32 6.50 15.09 2.17
C PHE A 32 6.65 13.59 2.42
N LEU A 33 5.62 12.98 2.98
CA LEU A 33 5.59 11.53 3.18
C LEU A 33 4.32 11.01 2.53
N THR A 34 4.48 10.20 1.47
CA THR A 34 3.32 9.77 0.70
C THR A 34 2.45 8.79 1.46
N HIS A 35 3.05 7.90 2.28
CA HIS A 35 2.29 6.90 3.00
C HIS A 35 3.15 6.27 4.09
N PHE A 36 2.48 5.59 5.03
CA PHE A 36 3.14 5.01 6.20
C PHE A 36 3.58 3.57 5.94
N HIS A 37 4.55 3.42 5.04
CA HIS A 37 5.24 2.15 4.82
C HIS A 37 6.73 2.36 5.10
N SER A 38 7.36 1.34 5.69
CA SER A 38 8.69 1.53 6.28
C SER A 38 9.74 1.94 5.25
N ASP A 39 9.63 1.47 4.01
CA ASP A 39 10.57 1.88 2.98
C ASP A 39 10.41 3.35 2.58
N HIS A 40 9.41 4.03 3.11
CA HIS A 40 9.17 5.44 2.81
C HIS A 40 9.38 6.36 4.00
N TYR A 41 9.01 5.95 5.21
CA TYR A 41 9.21 6.78 6.39
C TYR A 41 10.53 6.51 7.10
N ALA A 42 11.34 5.58 6.59
CA ALA A 42 12.59 5.20 7.25
C ALA A 42 13.41 6.42 7.62
N GLY A 43 13.65 6.58 8.93
CA GLY A 43 14.38 7.72 9.47
C GLY A 43 13.57 8.59 10.40
N LEU A 44 12.25 8.65 10.18
CA LEU A 44 11.38 9.46 11.03
C LEU A 44 11.31 8.89 12.44
N SER A 45 11.30 9.78 13.42
CA SER A 45 11.23 9.39 14.83
C SER A 45 10.73 10.60 15.62
N LYS A 46 10.62 10.41 16.95
CA LYS A 46 10.20 11.50 17.83
C LYS A 46 11.18 12.67 17.83
N HIS A 47 12.39 12.49 17.30
CA HIS A 47 13.42 13.52 17.33
C HIS A 47 13.47 14.36 16.05
N PHE A 48 12.65 14.04 15.05
CA PHE A 48 12.63 14.81 13.82
C PHE A 48 12.02 16.18 14.07
N THR A 49 12.66 17.23 13.54
CA THR A 49 12.28 18.60 13.88
C THR A 49 12.02 19.45 12.63
N PHE A 50 11.63 18.84 11.53
CA PHE A 50 11.27 19.57 10.32
C PHE A 50 9.81 19.32 9.97
N PRO A 51 9.19 20.22 9.21
CA PRO A 51 7.77 20.03 8.87
C PRO A 51 7.57 18.82 7.97
N VAL A 52 6.62 17.97 8.34
CA VAL A 52 6.24 16.80 7.55
C VAL A 52 4.84 17.03 7.02
N TYR A 53 4.67 16.92 5.70
CA TYR A 53 3.38 17.08 5.06
C TYR A 53 2.91 15.71 4.58
N CYS A 54 1.63 15.40 4.83
CA CYS A 54 1.10 14.07 4.63
C CYS A 54 -0.41 14.11 4.75
N SER A 55 -1.06 12.96 4.52
CA SER A 55 -2.49 12.85 4.72
C SER A 55 -2.82 12.81 6.21
N GLU A 56 -4.10 13.01 6.53
CA GLU A 56 -4.54 12.90 7.93
C GLU A 56 -4.19 11.54 8.51
N ILE A 57 -4.47 10.47 7.76
CA ILE A 57 -4.24 9.12 8.28
C ILE A 57 -2.76 8.88 8.51
N THR A 58 -1.92 9.26 7.55
CA THR A 58 -0.48 9.18 7.77
C THR A 58 -0.07 9.97 9.00
N GLY A 59 -0.67 11.14 9.18
CA GLY A 59 -0.35 11.96 10.34
C GLY A 59 -0.74 11.31 11.65
N ASN A 60 -1.88 10.60 11.66
CA ASN A 60 -2.27 9.84 12.86
C ASN A 60 -1.22 8.79 13.19
N LEU A 61 -0.69 8.13 12.17
CA LEU A 61 0.30 7.07 12.40
C LEU A 61 1.64 7.65 12.84
N LEU A 62 2.04 8.78 12.26
CA LEU A 62 3.28 9.42 12.70
C LEU A 62 3.20 9.78 14.18
N LYS A 63 2.06 10.34 14.60
CA LYS A 63 1.89 10.75 15.98
C LYS A 63 1.84 9.56 16.93
N ASN A 64 1.06 8.53 16.59
CA ASN A 64 0.81 7.46 17.55
C ASN A 64 1.82 6.32 17.48
N LYS A 65 2.35 6.01 16.30
CA LYS A 65 3.26 4.88 16.14
C LYS A 65 4.74 5.28 16.18
N LEU A 66 5.11 6.40 15.57
CA LEU A 66 6.49 6.89 15.61
C LEU A 66 6.70 7.98 16.65
N HIS A 67 5.62 8.48 17.25
N HIS A 67 5.63 8.47 17.27
CA HIS A 67 5.66 9.51 18.28
CA HIS A 67 5.73 9.50 18.32
C HIS A 67 6.30 10.81 17.80
C HIS A 67 6.32 10.81 17.80
N VAL A 68 6.09 11.12 16.52
CA VAL A 68 6.53 12.40 15.99
C VAL A 68 5.74 13.52 16.66
N GLN A 69 6.41 14.62 16.98
CA GLN A 69 5.76 15.69 17.71
C GLN A 69 4.70 16.37 16.85
N GLU A 70 3.58 16.71 17.49
CA GLU A 70 2.43 17.28 16.78
C GLU A 70 2.80 18.54 16.02
N GLN A 71 3.68 19.38 16.57
CA GLN A 71 4.02 20.65 15.93
C GLN A 71 4.68 20.47 14.57
N TYR A 72 5.21 19.28 14.28
CA TYR A 72 5.88 19.03 13.01
C TYR A 72 5.02 18.28 12.01
N ILE A 73 3.84 17.82 12.41
CA ILE A 73 2.95 17.05 11.53
C ILE A 73 1.96 18.02 10.89
N HIS A 74 1.99 18.10 9.56
CA HIS A 74 1.11 18.98 8.79
C HIS A 74 0.20 18.13 7.91
N PRO A 75 -0.95 17.71 8.41
CA PRO A 75 -1.88 16.94 7.56
C PRO A 75 -2.58 17.86 6.58
N LEU A 76 -2.82 17.35 5.38
CA LEU A 76 -3.55 18.05 4.35
C LEU A 76 -4.77 17.24 3.92
N PRO A 77 -5.89 17.88 3.64
CA PRO A 77 -7.03 17.17 3.08
C PRO A 77 -6.73 16.76 1.65
N LEU A 78 -7.43 15.72 1.21
CA LEU A 78 -7.30 15.27 -0.17
C LEU A 78 -8.10 16.17 -1.10
N ASP A 79 -7.72 16.18 -2.38
CA ASP A 79 -8.50 16.80 -3.44
C ASP A 79 -8.71 18.29 -3.21
N THR A 80 -7.75 18.92 -2.53
CA THR A 80 -7.88 20.31 -2.10
C THR A 80 -6.59 21.04 -2.42
N GLU A 81 -6.72 22.18 -3.12
CA GLU A 81 -5.55 22.99 -3.45
C GLU A 81 -5.06 23.67 -2.19
N CYS A 82 -3.84 23.35 -1.78
CA CYS A 82 -3.20 23.91 -0.60
C CYS A 82 -1.92 24.60 -1.02
N ILE A 83 -1.47 25.54 -0.21
CA ILE A 83 -0.24 26.28 -0.47
C ILE A 83 0.77 25.90 0.60
N VAL A 84 1.89 25.32 0.18
CA VAL A 84 2.95 24.92 1.09
C VAL A 84 4.21 25.65 0.67
N ASN A 85 4.76 26.47 1.58
CA ASN A 85 5.95 27.26 1.30
C ASN A 85 5.86 27.98 -0.05
N GLY A 86 4.70 28.58 -0.30
CA GLY A 86 4.48 29.34 -1.51
C GLY A 86 4.27 28.55 -2.79
N VAL A 87 3.98 27.24 -2.69
CA VAL A 87 3.78 26.39 -3.85
C VAL A 87 2.44 25.69 -3.71
N LYS A 88 1.63 25.73 -4.76
CA LYS A 88 0.34 25.05 -4.73
C LYS A 88 0.57 23.55 -4.86
N VAL A 89 -0.03 22.79 -3.93
CA VAL A 89 0.06 21.33 -3.92
C VAL A 89 -1.34 20.75 -3.76
N VAL A 90 -1.54 19.54 -4.28
CA VAL A 90 -2.77 18.78 -4.09
C VAL A 90 -2.38 17.36 -3.75
N LEU A 91 -3.06 16.77 -2.77
CA LEU A 91 -2.92 15.35 -2.48
C LEU A 91 -4.09 14.58 -3.08
N LEU A 92 -3.79 13.45 -3.70
CA LEU A 92 -4.79 12.62 -4.34
C LEU A 92 -4.65 11.20 -3.80
N ASP A 93 -5.78 10.49 -3.68
CA ASP A 93 -5.71 9.13 -3.20
CA ASP A 93 -5.71 9.13 -3.20
C ASP A 93 -4.92 8.26 -4.17
N ALA A 94 -3.99 7.49 -3.63
CA ALA A 94 -3.12 6.66 -4.45
C ALA A 94 -3.65 5.24 -4.67
N ASN A 95 -4.79 4.89 -4.07
CA ASN A 95 -5.29 3.52 -4.17
C ASN A 95 -4.20 2.51 -3.81
N HIS A 96 -3.48 2.81 -2.73
CA HIS A 96 -2.42 1.93 -2.24
C HIS A 96 -2.90 1.41 -0.88
N CYS A 97 -2.31 1.87 0.20
CA CYS A 97 -2.74 1.53 1.56
C CYS A 97 -3.48 2.71 2.18
N PRO A 98 -4.10 2.54 3.36
CA PRO A 98 -4.80 3.68 3.99
C PRO A 98 -3.87 4.88 4.16
N GLY A 99 -4.39 6.06 3.81
CA GLY A 99 -3.63 7.29 3.92
C GLY A 99 -2.60 7.55 2.84
N ALA A 100 -2.45 6.65 1.87
CA ALA A 100 -1.44 6.82 0.83
C ALA A 100 -1.91 7.83 -0.20
N VAL A 101 -1.02 8.74 -0.60
CA VAL A 101 -1.37 9.79 -1.54
C VAL A 101 -0.38 9.87 -2.69
N MET A 102 -0.87 10.41 -3.81
CA MET A 102 -0.04 11.01 -4.84
C MET A 102 -0.03 12.51 -4.59
N ILE A 103 1.03 13.18 -5.05
CA ILE A 103 1.17 14.62 -4.83
C ILE A 103 1.32 15.33 -6.16
N LEU A 104 0.48 16.33 -6.37
CA LEU A 104 0.60 17.22 -7.52
C LEU A 104 1.29 18.50 -7.05
N PHE A 105 2.37 18.88 -7.72
CA PHE A 105 3.08 20.11 -7.41
C PHE A 105 2.93 21.06 -8.60
N TYR A 106 2.44 22.26 -8.35
CA TYR A 106 2.31 23.28 -9.38
C TYR A 106 3.45 24.27 -9.16
N LEU A 107 4.53 24.11 -9.93
CA LEU A 107 5.72 24.91 -9.72
C LEU A 107 5.46 26.35 -10.16
N PRO A 108 6.19 27.31 -9.58
CA PRO A 108 5.98 28.71 -9.96
C PRO A 108 6.25 29.00 -11.43
N ASN A 109 7.17 28.27 -12.06
CA ASN A 109 7.47 28.51 -13.47
C ASN A 109 6.42 27.91 -14.42
N GLY A 110 5.36 27.29 -13.89
CA GLY A 110 4.33 26.70 -14.71
C GLY A 110 4.45 25.20 -14.88
N THR A 111 5.55 24.61 -14.45
CA THR A 111 5.71 23.16 -14.55
C THR A 111 4.79 22.47 -13.55
N VAL A 112 4.20 21.35 -13.96
CA VAL A 112 3.33 20.56 -13.09
C VAL A 112 3.95 19.19 -12.95
N ILE A 113 4.15 18.75 -11.71
CA ILE A 113 4.79 17.48 -11.39
C ILE A 113 3.78 16.63 -10.64
N LEU A 114 3.62 15.37 -11.06
CA LEU A 114 2.84 14.40 -10.30
C LEU A 114 3.81 13.37 -9.75
N HIS A 115 3.80 13.19 -8.44
CA HIS A 115 4.55 12.14 -7.76
C HIS A 115 3.53 11.10 -7.30
N THR A 116 3.61 9.88 -7.83
CA THR A 116 2.58 8.91 -7.50
C THR A 116 2.78 8.25 -6.13
N GLY A 117 3.88 8.52 -5.44
CA GLY A 117 4.20 7.70 -4.29
C GLY A 117 4.15 6.24 -4.70
N ASP A 118 3.60 5.38 -3.86
CA ASP A 118 3.19 4.05 -4.30
C ASP A 118 1.71 4.12 -4.68
N PHE A 119 1.34 3.52 -5.82
CA PHE A 119 -0.06 3.55 -6.22
C PHE A 119 -0.46 2.29 -6.95
N ARG A 120 -1.77 2.01 -6.95
CA ARG A 120 -2.35 1.05 -7.87
C ARG A 120 -3.24 1.83 -8.83
N ALA A 121 -2.72 2.07 -10.03
CA ALA A 121 -3.40 2.93 -10.98
C ALA A 121 -4.80 2.41 -11.27
N ASP A 122 -5.76 3.34 -11.37
CA ASP A 122 -7.13 2.97 -11.63
C ASP A 122 -7.78 4.01 -12.52
N PRO A 123 -8.67 3.61 -13.42
CA PRO A 123 -9.35 4.61 -14.28
C PRO A 123 -10.08 5.68 -13.51
N SER A 124 -10.53 5.41 -12.28
CA SER A 124 -11.19 6.44 -11.49
C SER A 124 -10.27 7.65 -11.25
N MET A 125 -8.95 7.45 -11.31
CA MET A 125 -8.03 8.58 -11.19
C MET A 125 -8.08 9.51 -12.37
N GLU A 126 -8.61 9.05 -13.50
CA GLU A 126 -8.73 9.90 -14.69
C GLU A 126 -9.85 10.92 -14.54
N ARG A 127 -10.49 10.97 -13.37
CA ARG A 127 -11.55 11.92 -13.07
C ARG A 127 -11.32 12.57 -11.71
N SER A 128 -10.06 12.89 -11.42
CA SER A 128 -9.71 13.67 -10.25
C SER A 128 -9.29 15.05 -10.74
N LEU A 129 -8.59 15.80 -9.89
CA LEU A 129 -7.96 17.03 -10.33
C LEU A 129 -6.94 16.81 -11.44
N LEU A 130 -6.54 15.56 -11.69
CA LEU A 130 -5.62 15.25 -12.79
C LEU A 130 -6.23 15.50 -14.16
N ALA A 131 -7.55 15.55 -14.28
CA ALA A 131 -8.19 15.58 -15.59
C ALA A 131 -7.87 16.88 -16.32
N ASP A 132 -7.50 16.74 -17.60
CA ASP A 132 -7.13 17.87 -18.46
C ASP A 132 -5.99 18.71 -17.88
N GLN A 133 -5.25 18.17 -16.91
CA GLN A 133 -4.12 18.86 -16.31
C GLN A 133 -2.85 18.38 -17.00
N LYS A 134 -2.16 19.30 -17.68
CA LYS A 134 -0.91 18.93 -18.33
C LYS A 134 0.12 18.62 -17.26
N VAL A 135 0.73 17.45 -17.32
CA VAL A 135 1.76 17.04 -16.39
C VAL A 135 3.07 16.97 -17.15
N HIS A 136 4.06 17.76 -16.71
CA HIS A 136 5.35 17.78 -17.39
C HIS A 136 6.29 16.70 -16.88
N MET A 137 6.20 16.34 -15.60
CA MET A 137 7.08 15.35 -15.01
CA MET A 137 7.09 15.37 -14.98
C MET A 137 6.26 14.41 -14.14
N LEU A 138 6.48 13.12 -14.32
CA LEU A 138 5.80 12.07 -13.57
C LEU A 138 6.84 11.26 -12.81
N TYR A 139 6.77 11.28 -11.48
CA TYR A 139 7.60 10.42 -10.65
C TYR A 139 6.77 9.17 -10.38
N LEU A 140 7.10 8.08 -11.07
CA LEU A 140 6.20 6.94 -11.23
C LEU A 140 6.61 5.74 -10.39
N ASP A 141 5.66 5.17 -9.66
CA ASP A 141 5.84 3.88 -8.98
C ASP A 141 5.88 2.81 -10.06
N THR A 142 7.08 2.32 -10.34
CA THR A 142 7.34 1.36 -11.39
C THR A 142 7.57 -0.04 -10.85
N THR A 143 7.05 -0.34 -9.65
CA THR A 143 7.31 -1.63 -9.00
C THR A 143 7.12 -2.79 -9.98
N TYR A 144 6.01 -2.82 -10.68
CA TYR A 144 5.69 -3.95 -11.57
C TYR A 144 5.70 -3.55 -13.04
N CYS A 145 6.70 -2.76 -13.46
CA CYS A 145 6.78 -2.26 -14.83
C CYS A 145 7.44 -3.30 -15.74
N SER A 146 6.71 -4.41 -15.95
CA SER A 146 7.10 -5.46 -16.90
C SER A 146 5.86 -6.27 -17.22
N PRO A 147 5.68 -6.70 -18.47
CA PRO A 147 4.38 -7.29 -18.87
C PRO A 147 4.06 -8.62 -18.22
N GLU A 148 5.05 -9.34 -17.68
CA GLU A 148 4.71 -10.59 -16.99
C GLU A 148 4.02 -10.34 -15.66
N TYR A 149 3.92 -9.07 -15.23
CA TYR A 149 3.30 -8.74 -13.96
CA TYR A 149 3.29 -8.73 -13.97
C TYR A 149 1.80 -8.54 -14.20
N THR A 150 1.07 -9.64 -14.08
CA THR A 150 -0.37 -9.66 -14.15
C THR A 150 -0.86 -10.27 -12.86
N PHE A 151 -1.89 -9.67 -12.29
CA PHE A 151 -2.59 -10.26 -11.16
C PHE A 151 -4.04 -9.80 -11.22
N PRO A 152 -4.94 -10.48 -10.52
CA PRO A 152 -6.36 -10.13 -10.64
C PRO A 152 -6.66 -8.81 -9.96
N SER A 153 -7.89 -8.34 -10.17
CA SER A 153 -8.36 -7.22 -9.39
C SER A 153 -8.43 -7.59 -7.92
N GLN A 154 -8.37 -6.58 -7.06
CA GLN A 154 -8.53 -6.80 -5.63
C GLN A 154 -9.89 -7.43 -5.33
N GLN A 155 -10.93 -7.00 -6.05
CA GLN A 155 -12.27 -7.54 -5.83
C GLN A 155 -12.31 -9.05 -6.12
N GLU A 156 -11.64 -9.50 -7.19
CA GLU A 156 -11.62 -10.93 -7.51
C GLU A 156 -10.91 -11.72 -6.42
N VAL A 157 -9.79 -11.19 -5.92
CA VAL A 157 -9.04 -11.86 -4.88
C VAL A 157 -9.86 -11.96 -3.60
N ILE A 158 -10.55 -10.87 -3.23
CA ILE A 158 -11.39 -10.89 -2.04
C ILE A 158 -12.54 -11.89 -2.21
N ARG A 159 -13.15 -11.92 -3.40
CA ARG A 159 -14.19 -12.91 -3.68
C ARG A 159 -13.68 -14.32 -3.40
N PHE A 160 -12.48 -14.63 -3.90
CA PHE A 160 -11.90 -15.95 -3.65
C PHE A 160 -11.67 -16.18 -2.17
N ALA A 161 -11.11 -15.19 -1.47
CA ALA A 161 -10.85 -15.34 -0.04
C ALA A 161 -12.14 -15.56 0.75
N ILE A 162 -13.17 -14.76 0.48
CA ILE A 162 -14.46 -14.88 1.17
C ILE A 162 -15.06 -16.26 0.93
N ASN A 163 -15.09 -16.69 -0.34
CA ASN A 163 -15.71 -17.97 -0.65
C ASN A 163 -14.95 -19.12 -0.01
N THR A 164 -13.62 -19.06 -0.05
CA THR A 164 -12.78 -20.11 0.53
C THR A 164 -12.99 -20.23 2.03
N ALA A 165 -12.95 -19.08 2.73
CA ALA A 165 -13.11 -19.10 4.18
C ALA A 165 -14.53 -19.50 4.58
N PHE A 166 -15.54 -18.95 3.91
CA PHE A 166 -16.92 -19.27 4.26
C PHE A 166 -17.18 -20.76 4.09
N GLU A 167 -16.71 -21.34 2.99
CA GLU A 167 -16.92 -22.77 2.77
C GLU A 167 -16.23 -23.60 3.85
N ALA A 168 -14.99 -23.25 4.20
CA ALA A 168 -14.25 -24.06 5.16
C ALA A 168 -14.90 -24.00 6.55
N VAL A 169 -15.35 -22.82 6.96
CA VAL A 169 -15.94 -22.68 8.29
C VAL A 169 -17.37 -23.21 8.31
N THR A 170 -18.08 -23.12 7.19
CA THR A 170 -19.40 -23.74 7.13
C THR A 170 -19.29 -25.25 7.19
N LEU A 171 -18.29 -25.83 6.50
CA LEU A 171 -18.09 -27.27 6.58
C LEU A 171 -17.57 -27.69 7.95
N ASN A 172 -16.69 -26.89 8.55
CA ASN A 172 -16.11 -27.17 9.86
C ASN A 172 -16.26 -25.93 10.73
N PRO A 173 -17.33 -25.86 11.53
CA PRO A 173 -17.51 -24.70 12.42
C PRO A 173 -16.41 -24.53 13.45
N HIS A 174 -15.52 -25.51 13.59
CA HIS A 174 -14.41 -25.43 14.54
C HIS A 174 -13.10 -25.03 13.87
N ALA A 175 -13.14 -24.54 12.64
CA ALA A 175 -11.95 -24.04 11.98
C ALA A 175 -11.68 -22.60 12.38
N LEU A 176 -10.39 -22.24 12.40
CA LEU A 176 -9.93 -20.88 12.67
C LEU A 176 -9.30 -20.33 11.40
N VAL A 177 -9.63 -19.08 11.08
CA VAL A 177 -9.01 -18.39 9.94
C VAL A 177 -7.92 -17.47 10.47
N VAL A 178 -6.74 -17.52 9.86
CA VAL A 178 -5.61 -16.67 10.23
C VAL A 178 -5.18 -15.87 9.00
N CYS A 179 -4.95 -14.57 9.19
N CYS A 179 -4.97 -14.57 9.18
CA CYS A 179 -4.45 -13.69 8.13
CA CYS A 179 -4.46 -13.71 8.12
C CYS A 179 -3.12 -13.09 8.56
C CYS A 179 -3.12 -13.13 8.57
N GLY A 180 -2.13 -13.21 7.68
CA GLY A 180 -0.82 -12.62 7.97
C GLY A 180 -0.80 -11.14 7.61
N THR A 181 -0.07 -10.37 8.42
CA THR A 181 0.07 -8.94 8.18
C THR A 181 1.38 -8.45 8.75
N TYR A 182 1.90 -7.37 8.15
CA TYR A 182 2.99 -6.62 8.77
C TYR A 182 2.66 -5.14 8.73
N SER A 183 2.73 -4.55 7.55
CA SER A 183 2.46 -3.13 7.39
C SER A 183 0.96 -2.89 7.34
N ILE A 184 0.58 -1.62 7.28
CA ILE A 184 -0.79 -1.26 6.94
C ILE A 184 -1.02 -1.60 5.48
N GLY A 185 -2.27 -1.61 5.06
CA GLY A 185 -2.64 -2.04 3.74
C GLY A 185 -3.25 -3.43 3.76
N LYS A 186 -4.06 -3.70 2.73
CA LYS A 186 -4.68 -5.01 2.50
C LYS A 186 -5.63 -5.41 3.62
N GLU A 187 -6.14 -4.42 4.37
CA GLU A 187 -7.07 -4.69 5.45
C GLU A 187 -8.33 -5.38 4.96
N LYS A 188 -8.72 -5.14 3.71
CA LYS A 188 -9.93 -5.76 3.15
C LYS A 188 -9.88 -7.28 3.23
N VAL A 189 -8.68 -7.88 3.17
CA VAL A 189 -8.60 -9.33 3.23
C VAL A 189 -9.21 -9.85 4.52
N PHE A 190 -8.74 -9.35 5.67
CA PHE A 190 -9.28 -9.87 6.93
C PHE A 190 -10.65 -9.29 7.26
N LEU A 191 -10.90 -8.04 6.89
CA LEU A 191 -12.21 -7.44 7.16
C LEU A 191 -13.31 -8.14 6.38
N ALA A 192 -13.08 -8.45 5.10
CA ALA A 192 -14.12 -9.11 4.31
C ALA A 192 -14.37 -10.52 4.79
N ILE A 193 -13.31 -11.24 5.20
CA ILE A 193 -13.48 -12.61 5.69
C ILE A 193 -14.26 -12.61 7.00
N ALA A 194 -13.87 -11.73 7.94
CA ALA A 194 -14.59 -11.66 9.20
C ALA A 194 -16.06 -11.30 9.00
N ASP A 195 -16.35 -10.43 8.02
CA ASP A 195 -17.72 -10.03 7.75
C ASP A 195 -18.57 -11.22 7.30
N VAL A 196 -18.05 -12.06 6.41
CA VAL A 196 -18.82 -13.19 5.93
C VAL A 196 -18.97 -14.27 7.00
N LEU A 197 -18.08 -14.28 8.00
CA LEU A 197 -18.13 -15.25 9.09
C LEU A 197 -18.86 -14.74 10.31
N GLY A 198 -19.36 -13.50 10.28
CA GLY A 198 -20.03 -12.93 11.44
C GLY A 198 -19.14 -12.77 12.65
N SER A 199 -17.85 -12.51 12.45
CA SER A 199 -16.88 -12.46 13.53
C SER A 199 -16.16 -11.13 13.51
N LYS A 200 -15.61 -10.75 14.65
CA LYS A 200 -14.62 -9.69 14.69
C LYS A 200 -13.24 -10.28 14.38
N VAL A 201 -12.28 -9.40 14.12
CA VAL A 201 -10.91 -9.79 13.84
C VAL A 201 -10.11 -9.60 15.11
N GLY A 202 -9.55 -10.69 15.64
CA GLY A 202 -8.70 -10.61 16.82
C GLY A 202 -7.24 -10.39 16.45
N MET A 203 -6.58 -9.54 17.23
CA MET A 203 -5.21 -9.16 16.91
C MET A 203 -4.52 -8.71 18.19
N SER A 204 -3.21 -8.49 18.07
CA SER A 204 -2.43 -8.00 19.18
C SER A 204 -2.80 -6.56 19.50
N GLN A 205 -2.34 -6.11 20.68
CA GLN A 205 -2.55 -4.71 21.05
C GLN A 205 -1.88 -3.77 20.06
N GLU A 206 -0.66 -4.12 19.61
CA GLU A 206 0.08 -3.25 18.70
C GLU A 206 -0.64 -3.09 17.36
N LYS A 207 -1.16 -4.19 16.81
CA LYS A 207 -1.88 -4.11 15.54
C LYS A 207 -3.21 -3.38 15.72
N TYR A 208 -3.92 -3.65 16.83
CA TYR A 208 -5.15 -2.92 17.14
C TYR A 208 -4.89 -1.41 17.17
N LYS A 209 -3.83 -0.99 17.85
CA LYS A 209 -3.47 0.43 17.89
C LYS A 209 -3.28 1.00 16.49
N THR A 210 -2.58 0.25 15.63
CA THR A 210 -2.35 0.70 14.26
C THR A 210 -3.67 0.91 13.51
N LEU A 211 -4.57 -0.07 13.58
CA LEU A 211 -5.85 0.05 12.89
C LEU A 211 -6.69 1.21 13.42
N GLN A 212 -6.54 1.57 14.69
CA GLN A 212 -7.32 2.67 15.23
C GLN A 212 -6.95 4.03 14.63
N CYS A 213 -5.84 4.11 13.88
CA CYS A 213 -5.37 5.34 13.27
C CYS A 213 -5.88 5.54 11.84
N LEU A 214 -6.62 4.59 11.28
CA LEU A 214 -6.86 4.54 9.84
C LEU A 214 -8.18 5.14 9.40
N ASN A 215 -8.97 5.70 10.31
CA ASN A 215 -10.25 6.32 9.96
C ASN A 215 -11.18 5.35 9.22
N ILE A 216 -11.14 4.07 9.60
CA ILE A 216 -12.02 3.08 8.99
C ILE A 216 -13.40 3.20 9.63
N PRO A 217 -14.45 3.42 8.86
CA PRO A 217 -15.79 3.57 9.45
C PRO A 217 -16.19 2.34 10.26
N GLU A 218 -16.75 2.59 11.44
CA GLU A 218 -17.28 1.53 12.32
C GLU A 218 -16.24 0.49 12.69
N ILE A 219 -15.00 0.94 12.91
CA ILE A 219 -13.89 0.01 13.15
C ILE A 219 -14.06 -0.71 14.49
N ASN A 220 -14.61 -0.03 15.51
CA ASN A 220 -14.80 -0.67 16.80
C ASN A 220 -15.76 -1.84 16.74
N SER A 221 -16.64 -1.88 15.74
CA SER A 221 -17.53 -3.02 15.53
C SER A 221 -16.87 -4.17 14.79
N LEU A 222 -15.63 -3.99 14.34
CA LEU A 222 -14.99 -4.95 13.45
C LEU A 222 -13.76 -5.64 14.04
N ILE A 223 -13.07 -5.02 14.99
CA ILE A 223 -11.79 -5.52 15.47
C ILE A 223 -11.80 -5.64 16.98
N THR A 224 -10.91 -6.47 17.50
CA THR A 224 -10.83 -6.70 18.94
C THR A 224 -9.45 -7.22 19.31
N THR A 225 -9.08 -7.01 20.57
CA THR A 225 -7.91 -7.68 21.12
C THR A 225 -8.27 -8.96 21.84
N ASP A 226 -9.56 -9.26 22.00
CA ASP A 226 -10.04 -10.49 22.62
C ASP A 226 -9.90 -11.60 21.60
N MET A 227 -8.80 -12.34 21.67
CA MET A 227 -8.45 -13.30 20.63
C MET A 227 -9.45 -14.45 20.56
N CYS A 228 -9.61 -15.19 21.67
CA CYS A 228 -10.40 -16.41 21.60
C CYS A 228 -11.90 -16.17 21.48
N SER A 229 -12.35 -14.91 21.46
CA SER A 229 -13.74 -14.60 21.12
C SER A 229 -13.92 -14.38 19.62
N SER A 230 -12.85 -14.45 18.84
CA SER A 230 -12.89 -14.20 17.41
C SER A 230 -12.43 -15.46 16.68
N LEU A 231 -13.01 -15.71 15.51
CA LEU A 231 -12.58 -16.82 14.66
C LEU A 231 -11.81 -16.37 13.43
N VAL A 232 -11.40 -15.11 13.38
CA VAL A 232 -10.43 -14.61 12.41
C VAL A 232 -9.33 -13.90 13.19
N HIS A 233 -8.11 -14.41 13.11
CA HIS A 233 -6.99 -13.87 13.86
C HIS A 233 -5.95 -13.27 12.92
N LEU A 234 -5.36 -12.16 13.33
CA LEU A 234 -4.20 -11.60 12.64
C LEU A 234 -2.93 -12.03 13.36
N LEU A 235 -1.91 -12.36 12.58
CA LEU A 235 -0.61 -12.72 13.11
C LEU A 235 0.44 -12.05 12.26
N PRO A 236 1.62 -11.80 12.82
CA PRO A 236 2.72 -11.32 11.97
C PRO A 236 2.95 -12.27 10.82
N MET A 237 3.31 -11.70 9.67
CA MET A 237 3.45 -12.47 8.44
C MET A 237 4.48 -13.59 8.60
N MET A 238 5.50 -13.39 9.43
CA MET A 238 6.53 -14.41 9.59
C MET A 238 6.05 -15.62 10.37
N GLN A 239 4.89 -15.54 11.03
CA GLN A 239 4.31 -16.70 11.71
C GLN A 239 3.40 -17.50 10.81
N ILE A 240 3.15 -17.06 9.57
CA ILE A 240 2.29 -17.78 8.67
C ILE A 240 3.08 -18.91 8.01
N ASN A 241 3.37 -19.93 8.79
CA ASN A 241 4.02 -21.14 8.31
C ASN A 241 3.52 -22.28 9.18
N PHE A 242 3.83 -23.51 8.78
CA PHE A 242 3.30 -24.66 9.51
C PHE A 242 3.75 -24.66 10.96
N LYS A 243 5.02 -24.32 11.21
CA LYS A 243 5.52 -24.28 12.58
C LYS A 243 4.82 -23.20 13.40
N GLY A 244 4.71 -21.99 12.85
CA GLY A 244 4.08 -20.91 13.59
C GLY A 244 2.59 -21.10 13.77
N LEU A 245 1.92 -21.71 12.79
CA LEU A 245 0.49 -21.94 12.92
C LEU A 245 0.19 -23.14 13.82
N GLN A 246 1.03 -24.17 13.79
CA GLN A 246 0.92 -25.24 14.78
C GLN A 246 1.04 -24.68 16.19
N SER A 247 1.99 -23.76 16.39
CA SER A 247 2.17 -23.15 17.70
C SER A 247 0.95 -22.32 18.10
N HIS A 248 0.37 -21.58 17.14
CA HIS A 248 -0.79 -20.76 17.45
C HIS A 248 -2.01 -21.60 17.79
N LEU A 249 -2.12 -22.80 17.19
CA LEU A 249 -3.30 -23.63 17.43
C LEU A 249 -3.37 -24.09 18.88
N LYS A 250 -2.23 -24.23 19.55
CA LYS A 250 -2.24 -24.57 20.97
C LYS A 250 -2.81 -23.44 21.82
N LYS A 251 -2.66 -22.20 21.38
CA LYS A 251 -2.89 -21.05 22.27
C LYS A 251 -4.33 -20.98 22.75
N CYS A 252 -5.28 -21.01 21.82
N CYS A 252 -5.30 -20.93 21.84
CA CYS A 252 -6.72 -20.91 22.00
CA CYS A 252 -6.67 -20.74 22.29
C CYS A 252 -7.29 -22.02 22.88
C CYS A 252 -7.29 -21.99 22.90
N GLY A 253 -6.46 -22.81 23.54
CA GLY A 253 -6.92 -23.89 24.40
C GLY A 253 -7.86 -24.90 23.79
N GLY A 254 -7.45 -25.51 22.68
CA GLY A 254 -8.25 -26.56 22.07
C GLY A 254 -9.63 -26.11 21.66
N LYS A 255 -9.79 -24.85 21.26
CA LYS A 255 -11.07 -24.34 20.77
C LYS A 255 -11.24 -24.57 19.28
N TYR A 256 -10.14 -24.73 18.55
CA TYR A 256 -10.17 -24.94 17.11
C TYR A 256 -9.37 -26.20 16.77
N ASN A 257 -9.79 -26.89 15.72
CA ASN A 257 -9.11 -28.09 15.26
C ASN A 257 -8.61 -27.98 13.83
N GLN A 258 -8.66 -26.79 13.24
CA GLN A 258 -8.22 -26.60 11.86
C GLN A 258 -7.88 -25.12 11.69
N ILE A 259 -6.83 -24.85 10.91
CA ILE A 259 -6.44 -23.48 10.58
C ILE A 259 -6.40 -23.35 9.06
N LEU A 260 -7.11 -22.36 8.55
CA LEU A 260 -6.98 -21.91 7.18
C LEU A 260 -6.33 -20.54 7.23
N ALA A 261 -5.15 -20.40 6.64
CA ALA A 261 -4.38 -19.19 6.74
C ALA A 261 -4.22 -18.54 5.37
N PHE A 262 -4.20 -17.21 5.35
CA PHE A 262 -4.04 -16.45 4.13
C PHE A 262 -2.80 -15.58 4.22
N ARG A 263 -1.97 -15.63 3.17
CA ARG A 263 -0.78 -14.80 3.00
C ARG A 263 -1.03 -13.91 1.80
N PRO A 264 -1.34 -12.62 2.00
CA PRO A 264 -1.70 -11.73 0.87
C PRO A 264 -0.49 -11.13 0.16
N THR A 265 0.23 -11.97 -0.56
CA THR A 265 1.49 -11.57 -1.17
C THR A 265 1.23 -10.57 -2.30
N GLY A 266 2.32 -10.11 -2.90
CA GLY A 266 2.22 -9.36 -4.15
C GLY A 266 2.18 -10.34 -5.32
N TRP A 267 2.85 -9.99 -6.41
CA TRP A 267 2.97 -10.92 -7.52
C TRP A 267 3.93 -12.05 -7.17
N THR A 268 3.60 -13.26 -7.63
CA THR A 268 4.52 -14.39 -7.62
C THR A 268 4.47 -15.03 -9.00
N HIS A 269 5.47 -15.87 -9.28
CA HIS A 269 5.59 -16.49 -10.59
C HIS A 269 4.41 -17.39 -10.93
N SER A 270 3.60 -17.76 -9.95
CA SER A 270 2.43 -18.61 -10.19
C SER A 270 1.41 -17.89 -11.07
N PHE A 273 0.70 -18.27 -14.65
CA PHE A 273 0.49 -19.71 -14.74
C PHE A 273 -0.94 -20.10 -14.38
N THR A 274 -1.39 -19.72 -13.19
CA THR A 274 -2.69 -20.11 -12.68
C THR A 274 -3.61 -18.90 -12.58
N ARG A 275 -4.92 -19.17 -12.65
CA ARG A 275 -5.93 -18.14 -12.47
C ARG A 275 -6.40 -18.13 -11.01
N ILE A 276 -7.05 -17.03 -10.63
CA ILE A 276 -7.40 -16.80 -9.23
C ILE A 276 -8.30 -17.92 -8.70
N ALA A 277 -9.20 -18.43 -9.55
CA ALA A 277 -10.13 -19.47 -9.10
C ALA A 277 -9.43 -20.80 -8.88
N ASP A 278 -8.24 -21.00 -9.44
CA ASP A 278 -7.53 -22.27 -9.38
C ASP A 278 -6.38 -22.27 -8.39
N VAL A 279 -6.36 -21.30 -7.46
CA VAL A 279 -5.32 -21.28 -6.43
C VAL A 279 -5.57 -22.38 -5.42
N ILE A 280 -4.51 -23.09 -5.04
CA ILE A 280 -4.60 -24.19 -4.09
C ILE A 280 -3.60 -24.00 -2.96
N PRO A 281 -3.89 -24.46 -1.74
CA PRO A 281 -3.04 -24.15 -0.59
C PRO A 281 -1.93 -25.17 -0.38
N GLN A 282 -0.95 -24.76 0.43
CA GLN A 282 -0.02 -25.69 1.05
C GLN A 282 -0.67 -26.27 2.29
N THR A 283 -0.67 -27.59 2.41
CA THR A 283 -1.38 -28.26 3.49
C THR A 283 -0.44 -29.20 4.22
N LYS A 284 -0.44 -29.14 5.55
CA LYS A 284 0.24 -30.11 6.41
C LYS A 284 -0.71 -30.45 7.54
N GLY A 285 -1.39 -31.59 7.43
CA GLY A 285 -2.33 -31.98 8.46
C GLY A 285 -3.56 -31.09 8.44
N ASN A 286 -3.90 -30.52 9.60
CA ASN A 286 -5.06 -29.66 9.75
C ASN A 286 -4.74 -28.18 9.53
N ILE A 287 -3.67 -27.87 8.82
CA ILE A 287 -3.28 -26.49 8.54
C ILE A 287 -3.09 -26.33 7.04
N SER A 288 -3.80 -25.35 6.46
CA SER A 288 -3.67 -25.01 5.05
C SER A 288 -3.33 -23.53 4.94
N ILE A 289 -2.42 -23.21 4.02
CA ILE A 289 -1.91 -21.85 3.83
C ILE A 289 -2.14 -21.45 2.38
N TYR A 290 -2.92 -20.39 2.17
CA TYR A 290 -3.23 -19.87 0.85
C TYR A 290 -2.42 -18.62 0.60
N GLY A 291 -1.64 -18.61 -0.47
CA GLY A 291 -1.00 -17.38 -0.92
C GLY A 291 -1.90 -16.70 -1.93
N ILE A 292 -2.39 -15.51 -1.62
CA ILE A 292 -3.33 -14.84 -2.53
C ILE A 292 -2.69 -13.58 -3.10
N PRO A 293 -2.84 -13.33 -4.39
CA PRO A 293 -2.13 -12.20 -5.01
C PRO A 293 -2.89 -10.89 -4.89
N TYR A 294 -3.02 -10.39 -3.66
CA TYR A 294 -3.67 -9.12 -3.38
C TYR A 294 -2.62 -8.02 -3.49
N SER A 295 -2.64 -7.26 -4.57
CA SER A 295 -1.64 -6.23 -4.80
C SER A 295 -2.20 -4.85 -4.54
N GLU A 296 -1.38 -4.00 -3.90
CA GLU A 296 -1.66 -2.58 -3.79
C GLU A 296 -0.73 -1.74 -4.67
N HIS A 297 -0.10 -2.38 -5.67
CA HIS A 297 0.66 -1.72 -6.72
C HIS A 297 0.04 -2.05 -8.08
N SER A 298 0.20 -1.11 -9.01
CA SER A 298 -0.28 -1.29 -10.38
C SER A 298 0.23 -2.57 -11.00
N SER A 299 -0.66 -3.29 -11.68
CA SER A 299 -0.18 -4.25 -12.68
C SER A 299 0.48 -3.47 -13.81
N TYR A 300 1.20 -4.21 -14.67
CA TYR A 300 1.79 -3.59 -15.85
C TYR A 300 0.73 -2.87 -16.67
N LEU A 301 -0.39 -3.57 -16.96
CA LEU A 301 -1.41 -2.99 -17.81
C LEU A 301 -2.07 -1.78 -17.16
N GLU A 302 -2.27 -1.82 -15.84
CA GLU A 302 -2.84 -0.66 -15.14
C GLU A 302 -1.91 0.53 -15.24
N MET A 303 -0.62 0.30 -15.03
CA MET A 303 0.38 1.36 -15.11
C MET A 303 0.44 1.96 -16.51
N LYS A 304 0.48 1.09 -17.53
CA LYS A 304 0.54 1.53 -18.92
C LYS A 304 -0.66 2.38 -19.28
N ARG A 305 -1.87 1.94 -18.90
CA ARG A 305 -3.07 2.70 -19.22
C ARG A 305 -3.05 4.07 -18.57
N PHE A 306 -2.61 4.15 -17.30
CA PHE A 306 -2.57 5.41 -16.60
C PHE A 306 -1.61 6.39 -17.27
N VAL A 307 -0.40 5.93 -17.58
CA VAL A 307 0.61 6.79 -18.19
C VAL A 307 0.19 7.22 -19.59
N GLN A 308 -0.37 6.29 -20.37
CA GLN A 308 -0.78 6.67 -21.73
C GLN A 308 -1.93 7.67 -21.71
N TRP A 309 -2.76 7.65 -20.66
CA TRP A 309 -3.79 8.67 -20.53
C TRP A 309 -3.20 10.00 -20.08
N LEU A 310 -2.29 9.96 -19.10
CA LEU A 310 -1.75 11.19 -18.54
C LEU A 310 -0.83 11.91 -19.52
N LYS A 311 -0.15 11.15 -20.38
CA LYS A 311 0.78 11.68 -21.36
C LYS A 311 1.83 12.65 -20.79
N PRO A 312 2.60 12.22 -19.79
CA PRO A 312 3.61 13.10 -19.22
C PRO A 312 4.73 13.35 -20.22
N GLN A 313 5.39 14.50 -20.07
CA GLN A 313 6.51 14.81 -20.96
C GLN A 313 7.78 14.07 -20.58
N LYS A 314 7.96 13.78 -19.29
CA LYS A 314 9.11 13.04 -18.82
C LYS A 314 8.67 12.18 -17.66
N ILE A 315 9.25 10.97 -17.58
CA ILE A 315 8.93 10.02 -16.53
C ILE A 315 10.21 9.74 -15.76
N ILE A 316 10.14 9.83 -14.44
CA ILE A 316 11.23 9.48 -13.54
C ILE A 316 10.76 8.29 -12.70
N PRO A 317 11.27 7.07 -12.96
CA PRO A 317 10.88 5.94 -12.11
C PRO A 317 11.42 6.10 -10.71
N THR A 318 10.66 5.60 -9.74
CA THR A 318 11.07 5.62 -8.34
C THR A 318 11.31 4.24 -7.76
N VAL A 319 11.11 3.18 -8.55
CA VAL A 319 11.32 1.81 -8.12
C VAL A 319 12.08 1.06 -9.21
N ASN A 320 12.90 0.08 -8.80
CA ASN A 320 13.69 -0.73 -9.74
C ASN A 320 14.73 0.12 -10.47
N VAL A 321 15.28 1.12 -9.79
CA VAL A 321 16.21 2.04 -10.44
C VAL A 321 17.66 1.65 -10.22
N GLY A 322 17.92 0.49 -9.63
CA GLY A 322 19.27 0.18 -9.18
C GLY A 322 20.19 -0.50 -10.16
N THR A 323 19.70 -1.02 -11.28
CA THR A 323 20.55 -1.69 -12.25
C THR A 323 20.36 -1.10 -13.64
N TRP A 324 21.43 -1.21 -14.44
CA TRP A 324 21.34 -0.74 -15.83
C TRP A 324 20.25 -1.49 -16.58
N LYS A 325 20.14 -2.80 -16.34
CA LYS A 325 19.14 -3.59 -17.04
C LYS A 325 17.73 -3.12 -16.68
N SER A 326 17.46 -2.94 -15.39
CA SER A 326 16.12 -2.52 -14.99
CA SER A 326 16.11 -2.52 -14.98
C SER A 326 15.79 -1.12 -15.51
N ARG A 327 16.75 -0.19 -15.42
CA ARG A 327 16.52 1.15 -15.94
C ARG A 327 16.30 1.14 -17.45
N SER A 328 17.10 0.35 -18.18
CA SER A 328 16.96 0.28 -19.63
C SER A 328 15.62 -0.35 -20.02
N THR A 329 15.22 -1.40 -19.32
CA THR A 329 13.95 -2.05 -19.63
C THR A 329 12.79 -1.09 -19.45
N MET A 330 12.77 -0.33 -18.35
CA MET A 330 11.67 0.59 -18.11
C MET A 330 11.63 1.69 -19.15
N GLU A 331 12.79 2.20 -19.56
CA GLU A 331 12.81 3.26 -20.57
C GLU A 331 12.31 2.75 -21.91
N LYS A 332 12.59 1.48 -22.25
CA LYS A 332 12.07 0.93 -23.50
C LYS A 332 10.55 0.85 -23.46
N TYR A 333 9.97 0.45 -22.33
CA TYR A 333 8.52 0.44 -22.23
C TYR A 333 7.94 1.85 -22.31
N PHE A 334 8.56 2.82 -21.63
CA PHE A 334 8.05 4.20 -21.71
C PHE A 334 8.01 4.66 -23.17
N ARG A 335 9.06 4.36 -23.92
CA ARG A 335 9.09 4.75 -25.34
C ARG A 335 8.00 4.03 -26.13
N GLU A 336 7.81 2.74 -25.87
N GLU A 336 7.79 2.74 -25.85
CA GLU A 336 6.73 2.01 -26.53
CA GLU A 336 6.74 2.00 -26.54
C GLU A 336 5.38 2.67 -26.26
C GLU A 336 5.36 2.59 -26.25
N TRP A 337 5.11 2.97 -24.99
CA TRP A 337 3.81 3.54 -24.64
C TRP A 337 3.61 4.88 -25.32
N LYS A 338 4.66 5.70 -25.36
CA LYS A 338 4.62 7.01 -25.99
C LYS A 338 4.37 6.89 -27.49
N LEU A 339 5.08 5.98 -28.16
CA LEU A 339 4.88 5.82 -29.61
C LEU A 339 3.48 5.30 -29.91
N GLU A 340 2.97 4.36 -29.11
CA GLU A 340 1.65 3.81 -29.38
C GLU A 340 0.56 4.86 -29.16
N ALA A 341 0.72 5.71 -28.15
CA ALA A 341 -0.32 6.69 -27.82
C ALA A 341 -0.15 8.01 -28.56
N GLY A 342 1.05 8.32 -29.03
CA GLY A 342 1.26 9.49 -29.85
C GLY A 342 1.65 10.76 -29.14
N TYR A 343 2.10 10.68 -27.90
CA TYR A 343 2.53 11.89 -27.17
C TYR A 343 4.05 12.03 -27.17
C1 U2C B . 3.88 -3.01 1.97
C10 U2C B . 9.90 -3.09 0.16
C11 U2C B . 8.22 -3.55 -1.40
C12 U2C B . 6.52 -4.08 -3.10
C13 U2C B . 5.98 -5.40 -2.69
C14 U2C B . 6.45 -6.65 -2.85
C15 U2C B . 5.51 -7.53 -2.24
C16 U2C B . 4.51 -6.73 -1.73
C17 U2C B . 4.95 -1.34 0.46
C2 U2C B . 5.06 -2.76 1.03
C3 U2C B . 6.40 -2.96 1.75
C4 U2C B . 7.54 -3.10 0.77
C5 U2C B . 8.91 -2.93 1.17
C6 U2C B . 9.30 -2.61 2.48
C7 U2C B . 10.62 -2.47 2.76
C8 U2C B . 11.62 -2.62 1.78
C9 U2C B . 11.25 -2.92 0.50
N1 U2C B . 9.54 -3.40 -1.13
N2 U2C B . 7.89 -3.84 -2.65
N3 U2C B . 7.22 -3.41 -0.49
N4 U2C B . 5.90 -0.49 0.82
O1 U2C B . 4.80 -5.41 -2.01
O2 U2C B . 5.84 0.83 0.39
O3 U2C B . 4.03 -1.02 -0.30
CL1 U2C B . 11.12 -2.07 4.38
C1 U2C C . 9.12 -7.42 5.86
C10 U2C C . 9.93 -6.29 0.98
C11 U2C C . 12.18 -6.04 1.55
C12 U2C C . 14.45 -5.17 1.74
C13 U2C C . 14.99 -5.64 3.05
C14 U2C C . 15.16 -6.86 3.57
C15 U2C C . 15.74 -6.68 4.86
C16 U2C C . 15.89 -5.33 5.02
C17 U2C C . 11.41 -7.85 4.95
C2 U2C C . 10.50 -6.81 5.59
C3 U2C C . 10.41 -5.53 4.73
C4 U2C C . 10.65 -5.80 3.26
C5 U2C C . 9.58 -6.04 2.33
C6 U2C C . 8.22 -6.05 2.70
C7 U2C C . 7.27 -6.29 1.76
C8 U2C C . 7.60 -6.53 0.42
C9 U2C C . 8.91 -6.54 0.04
N1 U2C C . 11.24 -6.29 0.59
N2 U2C C . 13.46 -6.04 1.16
N3 U2C C . 11.91 -5.80 2.85
N4 U2C C . 12.67 -7.84 5.33
O1 U2C C . 15.44 -4.68 3.91
O2 U2C C . 13.12 -6.93 6.28
O3 U2C C . 10.96 -8.65 4.13
CL1 U2C C . 5.59 -6.31 2.20
ZN ZN D . 3.88 1.20 0.03
ZN ZN E . 6.93 1.30 -1.25
#